data_5EKV
#
_entry.id   5EKV
#
_cell.length_a   38.480
_cell.length_b   100.780
_cell.length_c   136.460
_cell.angle_alpha   90.000
_cell.angle_beta   90.000
_cell.angle_gamma   90.000
#
_symmetry.space_group_name_H-M   'P 21 21 21'
#
loop_
_entity.id
_entity.type
_entity.pdbx_description
1 polymer 'Eukaryotic translation initiation factor 4E'
2 polymer 'Eukaryotic translation initiation factor 4E-binding protein 1'
3 non-polymer 3-[[(2~{R},3~{S},4~{R},5~{R})-5-(2-azanyl-7-methyl-6-oxidanylidene-1~{H}-purin-7-ium-9-yl)-3,4-bis(oxidanyl)oxolan-2-yl]methylamino]-4-oxidanyl-cyclobut-3-ene-1,2-dione
#
loop_
_entity_poly.entity_id
_entity_poly.type
_entity_poly.pdbx_seq_one_letter_code
_entity_poly.pdbx_strand_id
1 'polypeptide(L)'
;MATVEPETTPTPNPPTTEEEKTESNQEVANPEHYIKHPLQNRWALWFFKNDKSKTWQANLRLISKFDTVEDFWALYNHIQ
LSSNLMPGCDYSLFKDGIEPMWEDEKNKRGGRWLITLNKQQRRSDLDRFWLETLLCLIGESFDDYSDDVCGAVVNVRAKG
DKIAIWTTECENREAVTHIGRVYKERLGLPPKIVIGYQSHADTATKSGSTTKNRFVV
;
A,C
2 'polypeptide(L)' RIIYDRKFLMECRN B,D
#
# COMPACT_ATOMS: atom_id res chain seq x y z
N PRO A 31 20.39 18.30 33.33
CA PRO A 31 19.38 18.20 32.26
C PRO A 31 19.75 17.12 31.26
N GLU A 32 18.77 16.34 30.80
CA GLU A 32 19.00 15.30 29.81
C GLU A 32 19.91 14.18 30.30
N HIS A 33 20.26 14.22 31.59
CA HIS A 33 21.13 13.23 32.18
C HIS A 33 20.33 12.39 33.15
N TYR A 34 19.31 12.99 33.76
CA TYR A 34 18.51 12.36 34.81
C TYR A 34 17.06 12.15 34.41
N ILE A 35 16.67 12.54 33.20
CA ILE A 35 15.27 12.54 32.80
C ILE A 35 14.97 11.29 31.98
N LYS A 36 13.75 10.77 32.16
CA LYS A 36 13.29 9.65 31.36
C LYS A 36 12.77 10.14 30.02
N HIS A 37 13.15 9.43 28.96
CA HIS A 37 12.73 9.81 27.63
C HIS A 37 11.22 9.60 27.47
N PRO A 38 10.44 10.66 27.31
CA PRO A 38 8.98 10.52 27.38
C PRO A 38 8.36 10.12 26.05
N LEU A 39 7.30 9.34 26.14
CA LEU A 39 6.57 8.91 24.95
C LEU A 39 5.56 9.97 24.54
N GLN A 40 5.13 9.88 23.28
CA GLN A 40 4.11 10.78 22.76
C GLN A 40 2.77 10.55 23.47
N ASN A 41 2.37 9.29 23.62
CA ASN A 41 1.11 8.93 24.26
C ASN A 41 1.37 8.00 25.44
N ARG A 42 0.40 7.97 26.35
CA ARG A 42 0.42 7.03 27.45
C ARG A 42 -0.26 5.73 27.00
N TRP A 43 0.41 4.60 27.24
CA TRP A 43 -0.03 3.32 26.73
C TRP A 43 -0.41 2.39 27.87
N ALA A 44 -1.58 1.75 27.74
CA ALA A 44 -2.08 0.80 28.72
C ALA A 44 -1.97 -0.60 28.15
N LEU A 45 -1.39 -1.51 28.93
CA LEU A 45 -1.24 -2.91 28.54
C LEU A 45 -2.32 -3.74 29.20
N TRP A 46 -2.97 -4.59 28.40
CA TRP A 46 -4.10 -5.39 28.85
C TRP A 46 -3.81 -6.87 28.63
N PHE A 47 -4.37 -7.70 29.52
CA PHE A 47 -4.23 -9.15 29.43
C PHE A 47 -5.62 -9.78 29.40
N PHE A 48 -5.87 -10.60 28.39
CA PHE A 48 -7.14 -11.29 28.20
C PHE A 48 -6.93 -12.78 28.41
N LYS A 49 -7.82 -13.41 29.17
CA LYS A 49 -7.75 -14.85 29.41
C LYS A 49 -9.17 -15.42 29.37
N ASN A 50 -9.38 -16.36 28.44
CA ASN A 50 -10.72 -16.87 28.18
C ASN A 50 -11.26 -17.66 29.36
N ASP A 51 -12.55 -17.45 29.65
CA ASP A 51 -13.24 -18.19 30.70
C ASP A 51 -14.70 -18.26 30.30
N LYS A 52 -15.20 -19.46 30.01
CA LYS A 52 -16.57 -19.62 29.55
C LYS A 52 -17.60 -19.23 30.61
N SER A 53 -17.19 -19.15 31.87
CA SER A 53 -18.14 -18.89 32.95
C SER A 53 -18.57 -17.43 33.04
N LYS A 54 -17.82 -16.50 32.44
CA LYS A 54 -18.12 -15.08 32.53
C LYS A 54 -18.10 -14.46 31.14
N THR A 55 -18.40 -13.16 31.10
CA THR A 55 -18.50 -12.43 29.85
C THR A 55 -17.12 -12.22 29.22
N TRP A 56 -17.12 -11.70 28.00
CA TRP A 56 -15.87 -11.40 27.30
C TRP A 56 -15.19 -10.18 27.90
N GLN A 57 -15.96 -9.15 28.25
CA GLN A 57 -15.39 -7.92 28.77
C GLN A 57 -14.74 -8.14 30.13
N ALA A 58 -15.30 -9.03 30.95
CA ALA A 58 -14.71 -9.30 32.26
C ALA A 58 -13.43 -10.11 32.15
N ASN A 59 -13.25 -10.88 31.08
CA ASN A 59 -12.04 -11.65 30.88
C ASN A 59 -10.85 -10.79 30.47
N LEU A 60 -11.10 -9.57 30.00
CA LEU A 60 -10.05 -8.63 29.63
C LEU A 60 -9.70 -7.78 30.84
N ARG A 61 -8.44 -7.85 31.28
CA ARG A 61 -8.02 -7.15 32.50
C ARG A 61 -6.75 -6.34 32.23
N LEU A 62 -6.62 -5.23 32.97
CA LEU A 62 -5.54 -4.27 32.77
C LEU A 62 -4.32 -4.62 33.62
N ILE A 63 -3.14 -4.27 33.12
CA ILE A 63 -1.90 -4.60 33.80
C ILE A 63 -1.11 -3.40 34.33
N SER A 64 -0.99 -2.35 33.53
CA SER A 64 -0.27 -1.16 33.94
C SER A 64 -0.36 -0.08 32.87
N LYS A 65 0.23 1.08 33.15
CA LYS A 65 0.23 2.19 32.20
C LYS A 65 1.63 2.78 32.26
N PHE A 66 2.05 3.42 31.17
CA PHE A 66 3.37 4.03 31.11
C PHE A 66 3.38 5.12 30.04
N ASP A 67 4.23 6.13 30.23
CA ASP A 67 4.37 7.21 29.27
C ASP A 67 5.81 7.54 28.93
N THR A 68 6.77 6.67 29.26
CA THR A 68 8.17 6.89 28.93
C THR A 68 8.77 5.61 28.35
N VAL A 69 9.92 5.77 27.70
CA VAL A 69 10.60 4.63 27.09
C VAL A 69 11.13 3.69 28.17
N GLU A 70 11.59 4.27 29.28
CA GLU A 70 12.14 3.49 30.38
C GLU A 70 11.07 2.60 31.01
N ASP A 71 9.90 3.17 31.28
CA ASP A 71 8.81 2.43 31.91
C ASP A 71 8.21 1.40 30.98
N PHE A 72 8.38 1.54 29.66
CA PHE A 72 7.96 0.51 28.73
C PHE A 72 8.86 -0.72 28.84
N TRP A 73 10.17 -0.51 28.87
CA TRP A 73 11.09 -1.64 28.99
C TRP A 73 11.03 -2.28 30.37
N ALA A 74 10.75 -1.48 31.42
CA ALA A 74 10.63 -2.04 32.75
C ALA A 74 9.44 -3.00 32.84
N LEU A 75 8.32 -2.65 32.21
CA LEU A 75 7.14 -3.51 32.25
C LEU A 75 7.30 -4.70 31.32
N TYR A 76 7.93 -4.50 30.16
CA TYR A 76 8.02 -5.56 29.16
C TYR A 76 9.04 -6.63 29.54
N ASN A 77 10.12 -6.24 30.21
CA ASN A 77 11.18 -7.20 30.49
C ASN A 77 10.83 -8.19 31.59
N HIS A 78 9.76 -7.94 32.36
CA HIS A 78 9.37 -8.87 33.41
C HIS A 78 8.12 -9.67 33.09
N ILE A 79 7.40 -9.34 32.02
CA ILE A 79 6.24 -10.13 31.61
C ILE A 79 6.64 -11.13 30.54
N GLN A 80 5.82 -12.17 30.41
CA GLN A 80 6.12 -13.29 29.53
C GLN A 80 6.07 -12.93 28.05
N LEU A 81 6.83 -13.68 27.25
CA LEU A 81 6.76 -13.55 25.80
C LEU A 81 5.44 -14.09 25.29
N SER A 82 5.02 -13.58 24.12
CA SER A 82 3.74 -14.00 23.55
C SER A 82 3.72 -15.48 23.21
N SER A 83 4.86 -16.05 22.84
CA SER A 83 4.91 -17.47 22.51
C SER A 83 4.73 -18.35 23.74
N ASN A 84 5.24 -17.90 24.90
CA ASN A 84 5.16 -18.68 26.12
C ASN A 84 3.79 -18.63 26.78
N LEU A 85 2.89 -17.78 26.31
CA LEU A 85 1.57 -17.65 26.92
C LEU A 85 0.75 -18.91 26.71
N MET A 86 -0.17 -19.15 27.65
CA MET A 86 -1.08 -20.28 27.53
C MET A 86 -2.09 -20.02 26.41
N PRO A 87 -2.37 -21.03 25.58
CA PRO A 87 -3.26 -20.81 24.43
C PRO A 87 -4.64 -20.33 24.86
N GLY A 88 -5.07 -19.22 24.27
CA GLY A 88 -6.31 -18.57 24.62
C GLY A 88 -6.14 -17.25 25.34
N CYS A 89 -4.95 -16.66 25.32
CA CYS A 89 -4.66 -15.43 26.05
C CYS A 89 -4.16 -14.36 25.08
N ASP A 90 -4.52 -13.11 25.37
CA ASP A 90 -4.22 -11.98 24.50
C ASP A 90 -3.48 -10.89 25.26
N TYR A 91 -2.44 -10.35 24.63
CA TYR A 91 -1.82 -9.09 25.04
C TYR A 91 -2.42 -7.97 24.20
N SER A 92 -2.74 -6.85 24.83
CA SER A 92 -3.42 -5.75 24.15
C SER A 92 -2.84 -4.42 24.64
N LEU A 93 -2.12 -3.74 23.76
CA LEU A 93 -1.56 -2.42 24.05
C LEU A 93 -2.38 -1.37 23.30
N PHE A 94 -2.94 -0.41 24.03
CA PHE A 94 -3.76 0.65 23.45
C PHE A 94 -3.41 1.98 24.08
N LYS A 95 -3.84 3.05 23.43
CA LYS A 95 -3.65 4.39 23.97
C LYS A 95 -4.52 4.59 25.20
N ASP A 96 -4.00 5.36 26.15
CA ASP A 96 -4.71 5.64 27.39
C ASP A 96 -6.02 6.36 27.10
N GLY A 97 -7.14 5.68 27.39
CA GLY A 97 -8.46 6.18 27.08
C GLY A 97 -9.25 5.30 26.12
N ILE A 98 -8.59 4.39 25.43
CA ILE A 98 -9.23 3.46 24.50
C ILE A 98 -9.09 2.05 25.06
N GLU A 99 -10.23 1.35 25.23
CA GLU A 99 -10.18 -0.03 25.72
C GLU A 99 -10.13 -1.01 24.55
N PRO A 100 -9.47 -2.16 24.74
CA PRO A 100 -9.30 -3.12 23.64
C PRO A 100 -10.58 -3.83 23.25
N MET A 101 -11.55 -3.10 22.70
CA MET A 101 -12.81 -3.70 22.29
C MET A 101 -13.48 -2.81 21.26
N TRP A 102 -14.23 -3.44 20.35
CA TRP A 102 -14.94 -2.67 19.33
C TRP A 102 -15.91 -1.66 19.91
N GLU A 103 -16.33 -1.86 21.16
CA GLU A 103 -17.34 -1.01 21.78
C GLU A 103 -16.85 0.41 22.01
N ASP A 104 -15.54 0.63 22.08
CA ASP A 104 -15.00 1.96 22.35
C ASP A 104 -15.32 2.91 21.19
N GLU A 105 -15.41 4.20 21.53
CA GLU A 105 -15.72 5.23 20.54
C GLU A 105 -14.71 5.21 19.39
N LYS A 106 -13.43 5.23 19.74
CA LYS A 106 -12.38 5.22 18.71
C LYS A 106 -12.28 3.88 18.01
N ASN A 107 -12.64 2.79 18.70
CA ASN A 107 -12.58 1.47 18.09
C ASN A 107 -13.79 1.13 17.26
N LYS A 108 -14.89 1.85 17.47
CA LYS A 108 -16.02 1.78 16.57
C LYS A 108 -15.62 2.21 15.16
N ARG A 109 -16.31 1.65 14.17
CA ARG A 109 -16.05 1.97 12.76
C ARG A 109 -14.66 1.52 12.34
N GLY A 110 -13.64 2.02 13.04
CA GLY A 110 -12.26 1.70 12.70
C GLY A 110 -11.88 0.24 12.49
N GLY A 111 -10.93 0.00 11.58
CA GLY A 111 -10.56 -1.35 11.16
C GLY A 111 -9.49 -2.11 11.93
N ARG A 112 -8.74 -2.96 11.21
CA ARG A 112 -7.79 -3.89 11.82
C ARG A 112 -6.87 -4.27 10.67
N TRP A 113 -5.55 -4.23 10.90
CA TRP A 113 -4.56 -4.71 9.92
C TRP A 113 -4.12 -6.04 10.52
N LEU A 114 -4.61 -7.14 9.96
CA LEU A 114 -4.54 -8.45 10.56
C LEU A 114 -3.38 -9.25 9.97
N ILE A 115 -2.62 -9.90 10.86
CA ILE A 115 -1.48 -10.75 10.49
C ILE A 115 -1.77 -12.16 10.98
N THR A 116 -2.03 -13.09 10.07
CA THR A 116 -2.22 -14.49 10.43
C THR A 116 -0.88 -15.21 10.48
N LEU A 117 -0.65 -15.98 11.54
CA LEU A 117 0.56 -16.75 11.72
C LEU A 117 0.22 -18.23 11.84
N ASN A 118 1.07 -19.07 11.28
CA ASN A 118 0.83 -20.51 11.24
C ASN A 118 1.44 -21.19 12.47
N LYS A 119 1.41 -22.52 12.49
CA LYS A 119 1.82 -23.27 13.67
C LYS A 119 3.31 -23.10 13.94
N GLN A 120 4.15 -23.19 12.90
CA GLN A 120 5.59 -23.15 13.10
C GLN A 120 6.08 -21.74 13.43
N GLN A 121 5.37 -20.73 12.94
CA GLN A 121 5.75 -19.34 13.19
C GLN A 121 5.80 -18.99 14.69
N ARG A 122 5.26 -19.87 15.53
CA ARG A 122 5.25 -19.62 16.97
C ARG A 122 6.63 -19.40 17.55
N ARG A 123 7.65 -20.05 16.98
CA ARG A 123 9.00 -20.06 17.54
C ARG A 123 9.63 -18.66 17.57
N SER A 124 9.88 -18.08 16.40
CA SER A 124 10.60 -16.82 16.30
C SER A 124 9.77 -15.67 15.74
N ASP A 125 8.86 -15.95 14.81
CA ASP A 125 8.15 -14.87 14.13
C ASP A 125 7.16 -14.17 15.07
N LEU A 126 6.49 -14.93 15.93
CA LEU A 126 5.48 -14.33 16.80
C LEU A 126 6.11 -13.34 17.77
N ASP A 127 7.17 -13.76 18.47
CA ASP A 127 7.82 -12.87 19.43
C ASP A 127 8.46 -11.66 18.75
N ARG A 128 8.96 -11.84 17.53
CA ARG A 128 9.66 -10.76 16.85
C ARG A 128 8.70 -9.79 16.18
N PHE A 129 7.59 -10.30 15.63
CA PHE A 129 6.61 -9.42 14.99
C PHE A 129 5.86 -8.58 16.02
N TRP A 130 5.54 -9.17 17.18
CA TRP A 130 4.79 -8.44 18.19
C TRP A 130 5.65 -7.34 18.82
N LEU A 131 6.91 -7.64 19.12
CA LEU A 131 7.82 -6.62 19.65
C LEU A 131 8.03 -5.50 18.63
N GLU A 132 8.16 -5.86 17.35
CA GLU A 132 8.29 -4.84 16.30
C GLU A 132 7.01 -4.02 16.18
N THR A 133 5.85 -4.63 16.43
CA THR A 133 4.59 -3.88 16.41
C THR A 133 4.54 -2.88 17.56
N LEU A 134 5.01 -3.28 18.75
CA LEU A 134 5.00 -2.40 19.90
C LEU A 134 5.83 -1.14 19.64
N LEU A 135 6.98 -1.29 18.98
CA LEU A 135 7.85 -0.15 18.73
C LEU A 135 7.23 0.79 17.71
N CYS A 136 6.45 0.28 16.76
CA CYS A 136 5.77 1.14 15.80
C CYS A 136 4.66 1.95 16.46
N LEU A 137 4.06 1.42 17.52
CA LEU A 137 3.01 2.15 18.24
C LEU A 137 3.62 3.27 19.07
N ILE A 138 4.50 2.92 20.01
CA ILE A 138 4.99 3.89 20.98
C ILE A 138 5.95 4.89 20.35
N GLY A 139 6.64 4.49 19.29
CA GLY A 139 7.49 5.41 18.57
C GLY A 139 6.77 6.32 17.60
N GLU A 140 5.48 6.06 17.38
CA GLU A 140 4.69 6.86 16.45
C GLU A 140 5.37 7.10 15.11
N SER A 141 5.81 6.02 14.48
CA SER A 141 6.52 6.11 13.21
C SER A 141 5.62 6.25 11.99
N PHE A 142 4.31 6.25 12.20
CA PHE A 142 3.34 6.35 11.11
C PHE A 142 3.11 7.79 10.64
N ASP A 143 4.06 8.67 10.89
CA ASP A 143 3.95 10.05 10.43
C ASP A 143 2.75 10.76 11.06
N ASP A 144 1.94 11.41 10.23
CA ASP A 144 0.82 12.19 10.72
C ASP A 144 -0.34 11.25 11.06
N TYR A 145 -0.32 10.03 10.54
CA TYR A 145 -1.43 9.10 10.71
C TYR A 145 -1.29 8.24 11.96
N SER A 146 -0.47 8.67 12.91
CA SER A 146 -0.36 7.99 14.20
C SER A 146 -1.51 8.35 15.14
N ASP A 147 -2.19 9.48 14.91
CA ASP A 147 -3.37 9.81 15.69
C ASP A 147 -4.54 8.90 15.35
N ASP A 148 -4.56 8.30 14.16
CA ASP A 148 -5.59 7.35 13.80
C ASP A 148 -5.37 5.97 14.42
N VAL A 149 -4.15 5.66 14.82
CA VAL A 149 -3.82 4.34 15.35
C VAL A 149 -4.35 4.23 16.78
N CYS A 150 -5.18 3.21 17.02
CA CYS A 150 -5.74 2.99 18.35
C CYS A 150 -4.85 2.08 19.20
N GLY A 151 -4.46 0.94 18.67
CA GLY A 151 -3.63 0.02 19.44
C GLY A 151 -3.32 -1.24 18.68
N ALA A 152 -2.98 -2.28 19.42
CA ALA A 152 -2.61 -3.56 18.84
C ALA A 152 -3.04 -4.68 19.76
N VAL A 153 -3.10 -5.90 19.21
CA VAL A 153 -3.51 -7.08 19.95
C VAL A 153 -2.87 -8.31 19.30
N VAL A 154 -2.37 -9.21 20.14
CA VAL A 154 -1.83 -10.49 19.70
C VAL A 154 -2.67 -11.60 20.31
N ASN A 155 -3.12 -12.53 19.46
CA ASN A 155 -4.00 -13.62 19.87
C ASN A 155 -3.21 -14.91 19.86
N VAL A 156 -2.88 -15.42 21.04
CA VAL A 156 -2.18 -16.70 21.17
C VAL A 156 -3.24 -17.80 21.08
N ARG A 157 -3.35 -18.45 19.93
CA ARG A 157 -4.37 -19.47 19.72
C ARG A 157 -3.73 -20.79 19.32
N ALA A 158 -4.48 -21.87 19.53
CA ALA A 158 -4.00 -23.21 19.26
C ALA A 158 -4.02 -23.58 17.78
N LYS A 159 -4.87 -22.93 16.99
CA LYS A 159 -4.99 -23.24 15.57
C LYS A 159 -4.37 -22.17 14.68
N GLY A 160 -3.86 -21.11 15.28
CA GLY A 160 -3.22 -20.03 14.56
C GLY A 160 -2.82 -18.99 15.58
N ASP A 161 -2.03 -18.03 15.15
CA ASP A 161 -1.74 -16.87 15.97
C ASP A 161 -2.04 -15.63 15.15
N LYS A 162 -2.53 -14.59 15.82
CA LYS A 162 -2.98 -13.39 15.11
C LYS A 162 -2.42 -12.15 15.79
N ILE A 163 -1.80 -11.29 15.00
CA ILE A 163 -1.33 -9.99 15.44
C ILE A 163 -2.05 -8.93 14.61
N ALA A 164 -2.47 -7.84 15.26
CA ALA A 164 -3.32 -6.88 14.59
C ALA A 164 -3.01 -5.47 15.10
N ILE A 165 -3.26 -4.49 14.23
CA ILE A 165 -3.22 -3.08 14.60
C ILE A 165 -4.61 -2.49 14.34
N TRP A 166 -5.12 -1.75 15.33
CA TRP A 166 -6.44 -1.16 15.25
C TRP A 166 -6.34 0.33 14.93
N THR A 167 -7.20 0.79 14.04
CA THR A 167 -7.29 2.20 13.68
C THR A 167 -8.63 2.78 14.13
N THR A 168 -8.74 4.11 14.04
CA THR A 168 -9.94 4.80 14.52
C THR A 168 -11.00 4.97 13.45
N GLU A 169 -10.64 4.83 12.17
CA GLU A 169 -11.60 4.99 11.08
C GLU A 169 -11.14 4.17 9.88
N CYS A 170 -12.06 3.40 9.31
CA CYS A 170 -11.79 2.67 8.08
C CYS A 170 -12.08 3.48 6.84
N GLU A 171 -12.83 4.58 6.97
CA GLU A 171 -13.15 5.42 5.82
C GLU A 171 -11.96 6.26 5.37
N ASN A 172 -10.98 6.50 6.25
CA ASN A 172 -9.76 7.21 5.88
C ASN A 172 -8.84 6.26 5.13
N ARG A 173 -9.04 6.19 3.82
CA ARG A 173 -8.16 5.39 2.98
C ARG A 173 -6.75 5.97 2.92
N GLU A 174 -6.64 7.30 2.95
CA GLU A 174 -5.34 7.95 2.98
C GLU A 174 -4.55 7.55 4.22
N ALA A 175 -5.25 7.36 5.35
CA ALA A 175 -4.58 7.01 6.59
C ALA A 175 -4.31 5.51 6.68
N VAL A 176 -5.33 4.69 6.38
CA VAL A 176 -5.23 3.25 6.61
C VAL A 176 -4.14 2.65 5.73
N THR A 177 -4.08 3.04 4.46
CA THR A 177 -3.11 2.44 3.54
C THR A 177 -1.68 2.79 3.95
N HIS A 178 -1.46 4.00 4.47
CA HIS A 178 -0.11 4.41 4.83
C HIS A 178 0.36 3.69 6.09
N ILE A 179 -0.54 3.45 7.04
CA ILE A 179 -0.17 2.73 8.25
C ILE A 179 0.23 1.29 7.93
N GLY A 180 -0.61 0.59 7.16
CA GLY A 180 -0.32 -0.79 6.85
C GLY A 180 0.90 -0.98 5.95
N ARG A 181 1.21 0.02 5.12
CA ARG A 181 2.36 -0.10 4.23
C ARG A 181 3.67 0.07 5.02
N VAL A 182 3.71 1.04 5.94
CA VAL A 182 4.86 1.17 6.83
C VAL A 182 4.90 -0.01 7.80
N TYR A 183 3.73 -0.52 8.18
CA TYR A 183 3.67 -1.66 9.09
C TYR A 183 4.29 -2.91 8.46
N LYS A 184 4.10 -3.08 7.14
CA LYS A 184 4.68 -4.23 6.46
C LYS A 184 6.18 -4.05 6.25
N GLU A 185 6.63 -2.82 5.98
CA GLU A 185 8.06 -2.58 5.79
C GLU A 185 8.83 -2.73 7.10
N ARG A 186 8.23 -2.34 8.23
CA ARG A 186 8.94 -2.43 9.50
C ARG A 186 9.08 -3.88 9.96
N LEU A 187 8.07 -4.71 9.72
CA LEU A 187 8.16 -6.13 10.05
C LEU A 187 9.00 -6.89 9.04
N GLY A 188 9.06 -6.41 7.79
CA GLY A 188 9.90 -7.01 6.78
C GLY A 188 9.32 -8.24 6.12
N LEU A 189 8.05 -8.18 5.71
CA LEU A 189 7.44 -9.33 5.04
C LEU A 189 7.76 -9.29 3.54
N PRO A 190 7.93 -10.46 2.93
CA PRO A 190 8.18 -10.48 1.48
C PRO A 190 6.95 -10.00 0.72
N PRO A 191 7.13 -9.44 -0.48
CA PRO A 191 5.98 -9.02 -1.28
C PRO A 191 5.02 -10.16 -1.63
N LYS A 192 5.42 -11.42 -1.39
CA LYS A 192 4.54 -12.54 -1.68
C LYS A 192 3.35 -12.57 -0.73
N ILE A 193 3.57 -12.31 0.55
CA ILE A 193 2.52 -12.34 1.56
C ILE A 193 1.79 -11.00 1.57
N VAL A 194 0.47 -11.05 1.43
CA VAL A 194 -0.36 -9.84 1.45
C VAL A 194 -1.18 -9.86 2.73
N ILE A 195 -1.03 -8.81 3.55
CA ILE A 195 -1.72 -8.69 4.84
C ILE A 195 -3.05 -7.99 4.65
N GLY A 196 -4.05 -8.41 5.40
CA GLY A 196 -5.40 -7.93 5.22
C GLY A 196 -5.86 -6.92 6.25
N TYR A 197 -6.73 -6.01 5.82
CA TYR A 197 -7.35 -5.01 6.68
C TYR A 197 -8.87 -5.17 6.60
N GLN A 198 -9.51 -5.29 7.76
CA GLN A 198 -10.94 -5.51 7.81
C GLN A 198 -11.56 -4.70 8.94
N SER A 199 -12.71 -4.09 8.65
CA SER A 199 -13.42 -3.31 9.65
C SER A 199 -14.06 -4.23 10.68
N HIS A 200 -14.27 -3.67 11.89
CA HIS A 200 -14.88 -4.45 12.96
C HIS A 200 -16.37 -4.68 12.73
N ALA A 201 -17.00 -3.90 11.85
CA ALA A 201 -18.39 -4.17 11.49
C ALA A 201 -18.52 -5.48 10.72
N ASP A 202 -17.53 -5.79 9.88
CA ASP A 202 -17.49 -7.08 9.20
C ASP A 202 -16.99 -8.17 10.14
N THR A 203 -16.05 -7.83 11.02
CA THR A 203 -15.49 -8.82 11.95
C THR A 203 -16.53 -9.27 12.97
N ALA A 204 -17.36 -8.34 13.44
CA ALA A 204 -18.40 -8.68 14.41
C ALA A 204 -19.56 -9.44 13.80
N THR A 205 -19.61 -9.58 12.47
CA THR A 205 -20.64 -10.35 11.80
C THR A 205 -20.03 -11.49 10.99
N THR A 211 -16.22 -12.97 6.01
CA THR A 211 -15.49 -11.71 6.17
C THR A 211 -14.64 -11.42 4.95
N LYS A 212 -14.55 -10.16 4.55
CA LYS A 212 -13.77 -9.75 3.39
C LYS A 212 -12.96 -8.51 3.72
N ASN A 213 -11.80 -8.40 3.10
CA ASN A 213 -10.85 -7.33 3.38
C ASN A 213 -11.20 -6.07 2.59
N ARG A 214 -10.94 -4.92 3.22
CA ARG A 214 -11.13 -3.63 2.57
C ARG A 214 -9.88 -3.18 1.82
N PHE A 215 -8.71 -3.35 2.41
CA PHE A 215 -7.43 -3.00 1.80
C PHE A 215 -6.40 -4.06 2.14
N VAL A 216 -5.53 -4.36 1.20
CA VAL A 216 -4.48 -5.37 1.38
C VAL A 216 -3.18 -4.87 0.78
N VAL A 217 -2.08 -5.12 1.48
CA VAL A 217 -0.76 -4.71 0.99
C VAL A 217 0.15 -5.93 0.89
N ARG B 1 5.04 16.40 18.48
CA ARG B 1 5.04 14.94 18.45
C ARG B 1 6.46 14.40 18.65
N ILE B 2 6.59 13.34 19.44
CA ILE B 2 7.87 12.74 19.78
C ILE B 2 7.99 11.42 19.02
N ILE B 3 9.02 11.32 18.19
CA ILE B 3 9.26 10.15 17.35
C ILE B 3 10.54 9.47 17.81
N TYR B 4 10.48 8.15 17.99
CA TYR B 4 11.64 7.37 18.39
C TYR B 4 11.93 6.31 17.34
N ASP B 5 13.19 6.17 16.97
CA ASP B 5 13.62 5.20 15.98
C ASP B 5 13.74 3.81 16.60
N ARG B 6 13.66 2.78 15.75
CA ARG B 6 13.83 1.42 16.23
C ARG B 6 15.23 1.20 16.80
N LYS B 7 16.24 1.84 16.18
CA LYS B 7 17.61 1.71 16.67
C LYS B 7 17.76 2.33 18.06
N PHE B 8 17.05 3.42 18.32
CA PHE B 8 17.16 4.10 19.61
C PHE B 8 16.42 3.34 20.71
N LEU B 9 15.27 2.75 20.38
CA LEU B 9 14.49 2.04 21.38
C LEU B 9 15.18 0.76 21.83
N MET B 10 15.94 0.11 20.95
CA MET B 10 16.66 -1.11 21.32
C MET B 10 17.77 -0.83 22.32
N GLU B 11 18.40 0.34 22.24
CA GLU B 11 19.52 0.66 23.10
C GLU B 11 19.11 0.99 24.53
N CYS B 12 17.82 1.20 24.78
CA CYS B 12 17.34 1.54 26.11
C CYS B 12 16.90 0.31 26.90
N ARG B 13 17.23 -0.89 26.43
CA ARG B 13 16.90 -2.11 27.16
C ARG B 13 17.68 -2.25 28.46
N ASN B 14 18.85 -1.60 28.55
CA ASN B 14 19.66 -1.67 29.77
C ASN B 14 19.33 -0.50 30.70
N LYS C 36 -13.26 22.49 -11.57
CA LYS C 36 -12.40 21.41 -12.03
C LYS C 36 -11.59 20.85 -10.85
N HIS C 37 -11.48 19.52 -10.80
CA HIS C 37 -10.83 18.84 -9.69
C HIS C 37 -9.36 18.58 -10.03
N PRO C 38 -8.42 19.02 -9.18
CA PRO C 38 -7.00 18.95 -9.53
C PRO C 38 -6.41 17.57 -9.26
N LEU C 39 -5.56 17.14 -10.19
CA LEU C 39 -4.84 15.88 -10.05
C LEU C 39 -3.64 16.05 -9.11
N GLN C 40 -3.14 14.91 -8.64
CA GLN C 40 -1.95 14.92 -7.78
C GLN C 40 -0.71 15.34 -8.57
N ASN C 41 -0.61 14.92 -9.83
CA ASN C 41 0.56 15.20 -10.65
C ASN C 41 0.14 15.84 -11.97
N ARG C 42 1.09 16.56 -12.56
CA ARG C 42 0.94 17.13 -13.90
C ARG C 42 1.40 16.10 -14.92
N TRP C 43 0.52 15.74 -15.85
CA TRP C 43 0.79 14.68 -16.82
C TRP C 43 0.96 15.27 -18.21
N ALA C 44 1.73 14.58 -19.04
CA ALA C 44 2.02 15.00 -20.40
C ALA C 44 1.82 13.82 -21.34
N LEU C 45 1.10 14.05 -22.44
CA LEU C 45 0.77 13.02 -23.41
C LEU C 45 1.65 13.16 -24.64
N TRP C 46 2.37 12.10 -24.98
CA TRP C 46 3.31 12.09 -26.10
C TRP C 46 2.80 11.15 -27.20
N PHE C 47 3.18 11.45 -28.45
CA PHE C 47 2.70 10.70 -29.60
C PHE C 47 3.85 10.37 -30.55
N PHE C 48 3.77 9.18 -31.14
CA PHE C 48 4.77 8.67 -32.08
C PHE C 48 4.11 8.48 -33.44
N LYS C 49 4.91 8.63 -34.50
CA LYS C 49 4.38 8.61 -35.86
C LYS C 49 5.31 7.82 -36.76
N ASN C 50 4.83 7.54 -37.98
CA ASN C 50 5.56 6.67 -38.91
C ASN C 50 6.47 7.50 -39.80
N ASP C 51 7.77 7.21 -39.72
CA ASP C 51 8.79 7.68 -40.62
C ASP C 51 9.97 6.75 -40.38
N LYS C 52 10.71 6.42 -41.45
CA LYS C 52 11.93 5.66 -41.29
C LYS C 52 13.17 6.50 -41.53
N SER C 53 13.01 7.64 -42.19
CA SER C 53 14.14 8.52 -42.49
C SER C 53 14.68 9.18 -41.23
N LYS C 54 13.79 9.71 -40.39
CA LYS C 54 14.21 10.37 -39.16
C LYS C 54 14.25 9.39 -37.99
N THR C 55 15.05 9.75 -36.98
CA THR C 55 15.34 8.85 -35.88
C THR C 55 14.11 8.66 -34.99
N TRP C 56 14.26 7.78 -34.00
CA TRP C 56 13.16 7.45 -33.09
C TRP C 56 12.71 8.67 -32.30
N GLN C 57 13.66 9.54 -31.93
CA GLN C 57 13.31 10.73 -31.15
C GLN C 57 12.64 11.80 -31.99
N ALA C 58 12.87 11.82 -33.30
CA ALA C 58 12.30 12.85 -34.15
C ALA C 58 10.81 12.66 -34.43
N ASN C 59 10.28 11.46 -34.19
CA ASN C 59 8.86 11.20 -34.37
C ASN C 59 8.07 11.31 -33.07
N LEU C 60 8.71 11.06 -31.93
CA LEU C 60 8.06 11.15 -30.63
C LEU C 60 7.89 12.63 -30.26
N ARG C 61 6.66 13.12 -30.31
CA ARG C 61 6.39 14.54 -30.09
C ARG C 61 5.32 14.71 -29.00
N LEU C 62 5.50 15.74 -28.19
CA LEU C 62 4.61 16.03 -27.07
C LEU C 62 3.37 16.78 -27.55
N ILE C 63 2.21 16.36 -27.05
CA ILE C 63 0.94 16.94 -27.47
C ILE C 63 0.42 18.05 -26.57
N SER C 64 0.31 17.78 -25.27
CA SER C 64 -0.28 18.74 -24.34
C SER C 64 -0.05 18.26 -22.91
N LYS C 65 -0.19 19.20 -21.97
CA LYS C 65 -0.02 18.95 -20.55
C LYS C 65 -1.29 19.37 -19.81
N PHE C 66 -1.61 18.62 -18.74
CA PHE C 66 -2.80 18.90 -17.93
C PHE C 66 -2.52 18.54 -16.48
N ASP C 67 -3.25 19.19 -15.57
CA ASP C 67 -3.08 18.94 -14.14
C ASP C 67 -4.41 18.80 -13.40
N THR C 68 -5.54 18.72 -14.11
CA THR C 68 -6.83 18.51 -13.49
C THR C 68 -7.55 17.37 -14.19
N VAL C 69 -8.57 16.83 -13.51
CA VAL C 69 -9.35 15.72 -14.07
C VAL C 69 -10.04 16.17 -15.35
N GLU C 70 -10.71 17.32 -15.29
CA GLU C 70 -11.45 17.84 -16.41
C GLU C 70 -10.58 18.07 -17.64
N ASP C 71 -9.37 18.58 -17.42
CA ASP C 71 -8.47 18.88 -18.52
C ASP C 71 -7.91 17.63 -19.17
N PHE C 72 -7.88 16.51 -18.45
CA PHE C 72 -7.53 15.24 -19.08
C PHE C 72 -8.56 14.84 -20.13
N TRP C 73 -9.84 15.06 -19.84
CA TRP C 73 -10.88 14.73 -20.80
C TRP C 73 -10.85 15.65 -22.01
N ALA C 74 -10.59 16.95 -21.78
CA ALA C 74 -10.53 17.90 -22.89
C ALA C 74 -9.47 17.50 -23.91
N LEU C 75 -8.37 16.92 -23.45
CA LEU C 75 -7.37 16.39 -24.38
C LEU C 75 -7.77 15.04 -24.92
N TYR C 76 -8.31 14.16 -24.07
CA TYR C 76 -8.68 12.81 -24.47
C TYR C 76 -9.84 12.80 -25.47
N ASN C 77 -10.64 13.87 -25.52
CA ASN C 77 -11.82 13.87 -26.38
C ASN C 77 -11.46 14.09 -27.85
N HIS C 78 -10.47 14.92 -28.14
CA HIS C 78 -10.17 15.28 -29.52
C HIS C 78 -9.02 14.48 -30.12
N ILE C 79 -8.40 13.57 -29.36
CA ILE C 79 -7.28 12.79 -29.86
C ILE C 79 -7.74 11.44 -30.42
N GLN C 80 -6.89 10.85 -31.26
CA GLN C 80 -7.16 9.57 -31.88
C GLN C 80 -7.42 8.45 -30.86
N LEU C 81 -8.22 7.48 -31.27
CA LEU C 81 -8.42 6.26 -30.50
C LEU C 81 -7.34 5.24 -30.85
N SER C 82 -6.95 4.44 -29.84
CA SER C 82 -5.82 3.54 -30.01
C SER C 82 -6.07 2.47 -31.06
N SER C 83 -7.33 2.03 -31.22
CA SER C 83 -7.61 1.00 -32.21
C SER C 83 -7.52 1.55 -33.63
N ASN C 84 -8.05 2.75 -33.85
CA ASN C 84 -8.07 3.35 -35.18
C ASN C 84 -6.74 3.97 -35.59
N LEU C 85 -5.70 3.84 -34.76
CA LEU C 85 -4.41 4.40 -35.08
C LEU C 85 -3.68 3.56 -36.13
N MET C 86 -2.73 4.19 -36.81
CA MET C 86 -1.93 3.51 -37.82
C MET C 86 -0.89 2.61 -37.13
N PRO C 87 -0.69 1.39 -37.62
CA PRO C 87 0.31 0.50 -37.02
C PRO C 87 1.69 1.11 -37.07
N GLY C 88 2.32 1.20 -35.89
CA GLY C 88 3.57 1.89 -35.73
C GLY C 88 3.48 3.20 -34.98
N CYS C 89 2.43 3.41 -34.17
CA CYS C 89 2.23 4.64 -33.44
C CYS C 89 2.10 4.34 -31.95
N ASP C 90 2.54 5.29 -31.12
CA ASP C 90 2.55 5.11 -29.67
C ASP C 90 1.91 6.32 -29.01
N TYR C 91 1.09 6.05 -27.99
CA TYR C 91 0.61 7.07 -27.06
C TYR C 91 1.34 6.86 -25.73
N SER C 92 1.89 7.94 -25.18
CA SER C 92 2.72 7.84 -23.99
C SER C 92 2.36 8.97 -23.03
N LEU C 93 1.66 8.64 -21.95
CA LEU C 93 1.34 9.59 -20.90
C LEU C 93 2.35 9.42 -19.76
N PHE C 94 3.14 10.46 -19.52
CA PHE C 94 4.18 10.45 -18.50
C PHE C 94 4.09 11.70 -17.64
N LYS C 95 4.68 11.63 -16.46
CA LYS C 95 4.69 12.75 -15.54
C LYS C 95 5.53 13.90 -16.09
N ASP C 96 5.19 15.11 -15.67
CA ASP C 96 5.85 16.31 -16.17
C ASP C 96 7.34 16.28 -15.85
N GLY C 97 8.16 16.35 -16.91
CA GLY C 97 9.60 16.28 -16.76
C GLY C 97 10.18 14.99 -17.28
N ILE C 98 9.45 13.90 -17.10
CA ILE C 98 9.92 12.57 -17.48
C ILE C 98 9.63 12.35 -18.96
N GLU C 99 10.70 12.17 -19.75
CA GLU C 99 10.54 11.87 -21.16
C GLU C 99 10.24 10.38 -21.36
N PRO C 100 9.40 10.03 -22.33
CA PRO C 100 9.08 8.62 -22.55
C PRO C 100 10.24 7.84 -23.18
N MET C 101 11.22 7.45 -22.38
CA MET C 101 12.38 6.75 -22.91
C MET C 101 13.12 6.05 -21.78
N TRP C 102 13.91 5.04 -22.17
CA TRP C 102 14.71 4.30 -21.19
C TRP C 102 15.73 5.20 -20.52
N GLU C 103 16.48 5.94 -21.34
CA GLU C 103 17.64 6.70 -20.87
C GLU C 103 17.32 7.92 -19.99
N ASP C 104 16.05 8.11 -19.67
CA ASP C 104 15.68 9.22 -18.79
C ASP C 104 16.05 8.94 -17.34
N GLU C 105 16.31 10.03 -16.60
CA GLU C 105 16.77 9.94 -15.22
C GLU C 105 15.86 9.07 -14.36
N LYS C 106 14.55 9.30 -14.43
CA LYS C 106 13.62 8.58 -13.58
C LYS C 106 13.37 7.16 -14.05
N ASN C 107 13.70 6.82 -15.30
CA ASN C 107 13.41 5.51 -15.86
C ASN C 107 14.62 4.61 -16.01
N LYS C 108 15.84 5.14 -15.85
CA LYS C 108 17.03 4.42 -16.31
C LYS C 108 17.22 3.08 -15.61
N ARG C 109 16.96 3.02 -14.30
CA ARG C 109 17.12 1.79 -13.54
C ARG C 109 15.78 1.17 -13.14
N GLY C 110 14.70 1.55 -13.82
CA GLY C 110 13.39 0.98 -13.57
C GLY C 110 13.00 -0.07 -14.60
N GLY C 111 11.73 -0.42 -14.58
CA GLY C 111 11.17 -1.38 -15.53
C GLY C 111 9.72 -1.11 -15.84
N ARG C 112 9.04 -2.04 -16.50
CA ARG C 112 7.63 -1.84 -16.82
C ARG C 112 6.87 -3.16 -16.78
N TRP C 113 5.62 -3.07 -16.34
CA TRP C 113 4.67 -4.19 -16.41
C TRP C 113 4.05 -4.21 -17.79
N LEU C 114 4.24 -5.30 -18.52
CA LEU C 114 3.85 -5.38 -19.93
C LEU C 114 2.74 -6.40 -20.12
N ILE C 115 1.71 -6.02 -20.88
CA ILE C 115 0.65 -6.93 -21.31
C ILE C 115 0.50 -6.80 -22.81
N THR C 116 0.47 -7.94 -23.51
CA THR C 116 0.34 -7.96 -24.96
C THR C 116 -1.03 -8.55 -25.32
N LEU C 117 -1.73 -7.86 -26.22
CA LEU C 117 -3.09 -8.21 -26.60
C LEU C 117 -3.11 -8.74 -28.03
N ASN C 118 -4.00 -9.72 -28.26
CA ASN C 118 -4.18 -10.23 -29.62
C ASN C 118 -5.08 -9.30 -30.43
N LYS C 119 -5.11 -9.53 -31.74
CA LYS C 119 -5.61 -8.53 -32.68
C LYS C 119 -7.13 -8.40 -32.70
N GLN C 120 -7.88 -9.42 -32.28
CA GLN C 120 -9.31 -9.25 -32.10
C GLN C 120 -9.67 -8.96 -30.65
N GLN C 121 -8.74 -9.13 -29.72
CA GLN C 121 -8.83 -8.54 -28.40
C GLN C 121 -8.55 -7.03 -28.44
N ARG C 122 -8.27 -6.52 -29.63
CA ARG C 122 -8.28 -5.09 -29.87
C ARG C 122 -9.71 -4.69 -30.22
N ARG C 123 -10.63 -5.65 -30.17
CA ARG C 123 -12.04 -5.35 -30.44
C ARG C 123 -12.72 -4.10 -29.90
N SER C 124 -12.69 -3.94 -28.58
CA SER C 124 -13.23 -2.75 -27.93
C SER C 124 -12.28 -2.59 -26.76
N ASP C 125 -11.61 -3.69 -26.42
CA ASP C 125 -10.65 -3.71 -25.34
C ASP C 125 -9.48 -2.74 -25.54
N LEU C 126 -8.71 -2.86 -26.62
CA LEU C 126 -7.53 -2.00 -26.62
C LEU C 126 -7.95 -0.61 -26.18
N ASP C 127 -9.02 -0.11 -26.75
CA ASP C 127 -9.42 1.26 -26.43
C ASP C 127 -9.85 1.37 -24.97
N ARG C 128 -10.50 0.33 -24.44
CA ARG C 128 -10.95 0.35 -23.06
C ARG C 128 -9.79 0.15 -22.09
N PHE C 129 -8.84 -0.71 -22.44
CA PHE C 129 -7.73 -1.00 -21.54
C PHE C 129 -6.80 0.19 -21.39
N TRP C 130 -6.49 0.87 -22.49
CA TRP C 130 -5.62 2.04 -22.42
C TRP C 130 -6.29 3.17 -21.63
N LEU C 131 -7.60 3.33 -21.79
CA LEU C 131 -8.32 4.32 -20.99
C LEU C 131 -8.34 3.92 -19.51
N GLU C 132 -8.44 2.62 -19.24
CA GLU C 132 -8.37 2.16 -17.86
C GLU C 132 -6.98 2.34 -17.27
N THR C 133 -5.94 2.22 -18.11
CA THR C 133 -4.59 2.51 -17.65
C THR C 133 -4.41 3.99 -17.35
N LEU C 134 -4.99 4.85 -18.19
CA LEU C 134 -4.87 6.30 -17.98
C LEU C 134 -5.51 6.72 -16.67
N LEU C 135 -6.71 6.21 -16.38
CA LEU C 135 -7.40 6.55 -15.14
C LEU C 135 -6.69 6.01 -13.91
N CYS C 136 -5.90 4.95 -14.07
CA CYS C 136 -5.15 4.39 -12.95
C CYS C 136 -3.95 5.25 -12.59
N LEU C 137 -3.39 5.97 -13.58
CA LEU C 137 -2.26 6.85 -13.33
C LEU C 137 -2.70 8.14 -12.65
N ILE C 138 -3.67 8.84 -13.24
CA ILE C 138 -4.02 10.17 -12.76
C ILE C 138 -4.74 10.10 -11.42
N GLY C 139 -5.45 9.01 -11.14
CA GLY C 139 -6.14 8.84 -9.89
C GLY C 139 -5.31 8.28 -8.76
N GLU C 140 -4.02 8.03 -9.00
CA GLU C 140 -3.10 7.48 -8.01
C GLU C 140 -3.70 6.24 -7.33
N SER C 141 -4.10 5.28 -8.16
CA SER C 141 -4.76 4.07 -7.68
C SER C 141 -3.79 3.10 -7.01
N PHE C 142 -2.50 3.39 -7.01
CA PHE C 142 -1.50 2.56 -6.35
C PHE C 142 -1.16 3.07 -4.95
N ASP C 143 -1.92 4.03 -4.44
CA ASP C 143 -1.69 4.55 -3.10
C ASP C 143 -0.31 5.21 -3.01
N ASP C 144 0.46 4.86 -1.99
CA ASP C 144 1.79 5.44 -1.83
C ASP C 144 2.77 5.03 -2.91
N TYR C 145 2.57 3.87 -3.53
CA TYR C 145 3.47 3.37 -4.55
C TYR C 145 3.20 3.94 -5.93
N SER C 146 2.22 4.83 -6.06
CA SER C 146 1.99 5.54 -7.32
C SER C 146 3.09 6.56 -7.61
N ASP C 147 3.94 6.87 -6.62
CA ASP C 147 5.07 7.75 -6.86
C ASP C 147 6.13 7.08 -7.72
N ASP C 148 6.29 5.76 -7.59
CA ASP C 148 7.25 5.05 -8.40
C ASP C 148 6.83 4.96 -9.86
N VAL C 149 5.53 5.11 -10.14
CA VAL C 149 5.06 5.08 -11.52
C VAL C 149 5.54 6.32 -12.25
N CYS C 150 6.18 6.10 -13.40
CA CYS C 150 6.64 7.20 -14.25
C CYS C 150 5.70 7.51 -15.39
N GLY C 151 5.08 6.49 -15.99
CA GLY C 151 4.12 6.73 -17.05
C GLY C 151 3.56 5.44 -17.59
N ALA C 152 3.01 5.52 -18.80
CA ALA C 152 2.44 4.37 -19.48
C ALA C 152 2.60 4.55 -20.98
N VAL C 153 2.57 3.44 -21.71
CA VAL C 153 2.75 3.46 -23.16
C VAL C 153 1.88 2.38 -23.78
N VAL C 154 1.28 2.70 -24.93
CA VAL C 154 0.50 1.75 -25.71
C VAL C 154 1.05 1.74 -27.14
N ASN C 155 1.26 0.54 -27.68
CA ASN C 155 1.89 0.37 -28.98
C ASN C 155 0.90 -0.28 -29.93
N VAL C 156 0.53 0.45 -30.98
CA VAL C 156 -0.31 -0.09 -32.05
C VAL C 156 0.61 -0.80 -33.03
N ARG C 157 0.57 -2.13 -33.02
CA ARG C 157 1.47 -2.93 -33.83
C ARG C 157 0.69 -3.93 -34.68
N ALA C 158 1.32 -4.38 -35.75
CA ALA C 158 0.70 -5.38 -36.62
C ALA C 158 0.69 -6.77 -36.00
N LYS C 159 1.60 -7.06 -35.07
CA LYS C 159 1.77 -8.40 -34.53
C LYS C 159 1.36 -8.48 -33.06
N GLY C 160 0.36 -7.73 -32.66
CA GLY C 160 -0.13 -7.72 -31.28
C GLY C 160 0.17 -6.38 -30.63
N ASP C 161 -0.81 -5.88 -29.88
CA ASP C 161 -0.72 -4.56 -29.27
C ASP C 161 -0.24 -4.67 -27.81
N LYS C 162 0.60 -3.72 -27.41
CA LYS C 162 1.25 -3.74 -26.10
C LYS C 162 0.81 -2.54 -25.28
N ILE C 163 0.53 -2.77 -24.00
CA ILE C 163 0.21 -1.73 -23.03
C ILE C 163 1.10 -1.95 -21.82
N ALA C 164 1.71 -0.88 -21.31
CA ALA C 164 2.67 -1.03 -20.23
C ALA C 164 2.63 0.16 -19.29
N ILE C 165 2.96 -0.11 -18.02
CA ILE C 165 3.09 0.93 -16.99
C ILE C 165 4.55 0.94 -16.54
N TRP C 166 5.17 2.11 -16.63
CA TRP C 166 6.60 2.26 -16.34
C TRP C 166 6.82 2.67 -14.88
N THR C 167 7.86 2.10 -14.27
CA THR C 167 8.21 2.38 -12.89
C THR C 167 9.64 2.92 -12.82
N THR C 168 9.96 3.53 -11.67
CA THR C 168 11.24 4.24 -11.53
C THR C 168 12.37 3.35 -11.03
N GLU C 169 12.05 2.30 -10.27
CA GLU C 169 13.08 1.41 -9.73
C GLU C 169 12.56 -0.02 -9.76
N CYS C 170 13.30 -0.91 -10.43
CA CYS C 170 12.95 -2.32 -10.41
C CYS C 170 13.46 -3.03 -9.15
N GLU C 171 14.39 -2.41 -8.43
CA GLU C 171 14.89 -3.01 -7.20
C GLU C 171 13.89 -2.90 -6.07
N ASN C 172 13.01 -1.89 -6.12
CA ASN C 172 11.92 -1.80 -5.16
C ASN C 172 11.05 -3.02 -5.41
N ARG C 173 10.99 -3.93 -4.43
CA ARG C 173 10.31 -5.20 -4.62
C ARG C 173 8.85 -5.03 -4.24
N GLU C 174 8.59 -4.35 -3.12
CA GLU C 174 7.22 -4.18 -2.65
C GLU C 174 6.44 -3.23 -3.53
N ALA C 175 7.11 -2.26 -4.14
CA ALA C 175 6.43 -1.26 -4.94
C ALA C 175 5.98 -1.83 -6.28
N VAL C 176 6.89 -2.54 -6.97
CA VAL C 176 6.56 -3.12 -8.26
C VAL C 176 5.47 -4.17 -8.11
N THR C 177 5.55 -4.99 -7.06
CA THR C 177 4.58 -6.07 -6.88
C THR C 177 3.20 -5.52 -6.52
N HIS C 178 3.15 -4.46 -5.72
CA HIS C 178 1.87 -3.86 -5.37
C HIS C 178 1.23 -3.21 -6.59
N ILE C 179 2.03 -2.62 -7.48
CA ILE C 179 1.50 -1.96 -8.67
C ILE C 179 0.89 -2.99 -9.62
N GLY C 180 1.62 -4.08 -9.88
CA GLY C 180 1.12 -5.11 -10.77
C GLY C 180 -0.07 -5.87 -10.23
N ARG C 181 -0.25 -5.89 -8.90
CA ARG C 181 -1.39 -6.55 -8.31
C ARG C 181 -2.65 -5.70 -8.41
N VAL C 182 -2.51 -4.39 -8.25
CA VAL C 182 -3.64 -3.48 -8.40
C VAL C 182 -3.99 -3.28 -9.86
N TYR C 183 -2.98 -3.28 -10.74
CA TYR C 183 -3.23 -3.13 -12.17
C TYR C 183 -4.01 -4.35 -12.70
N LYS C 184 -3.71 -5.53 -12.17
CA LYS C 184 -4.45 -6.73 -12.57
C LYS C 184 -5.89 -6.70 -12.07
N GLU C 185 -6.10 -6.16 -10.87
CA GLU C 185 -7.45 -6.08 -10.32
C GLU C 185 -8.29 -5.01 -11.01
N ARG C 186 -7.66 -3.93 -11.48
CA ARG C 186 -8.43 -2.84 -12.08
C ARG C 186 -8.77 -3.11 -13.54
N LEU C 187 -7.94 -3.87 -14.24
CA LEU C 187 -8.28 -4.29 -15.60
C LEU C 187 -9.30 -5.43 -15.59
N GLY C 188 -9.31 -6.23 -14.53
CA GLY C 188 -10.23 -7.35 -14.44
C GLY C 188 -9.71 -8.61 -15.10
N LEU C 189 -8.54 -9.08 -14.67
CA LEU C 189 -7.89 -10.21 -15.32
C LEU C 189 -7.94 -11.46 -14.44
N PRO C 190 -8.25 -12.61 -15.02
CA PRO C 190 -8.32 -13.85 -14.24
C PRO C 190 -6.94 -14.28 -13.77
N PRO C 191 -6.87 -15.13 -12.73
CA PRO C 191 -5.56 -15.57 -12.23
C PRO C 191 -4.77 -16.42 -13.20
N LYS C 192 -5.40 -16.93 -14.26
CA LYS C 192 -4.69 -17.74 -15.24
C LYS C 192 -3.64 -16.92 -15.99
N ILE C 193 -3.86 -15.62 -16.12
CA ILE C 193 -2.89 -14.74 -16.76
C ILE C 193 -1.93 -14.24 -15.70
N VAL C 194 -0.64 -14.34 -16.01
CA VAL C 194 0.44 -13.98 -15.10
C VAL C 194 1.29 -12.98 -15.85
N ILE C 195 1.06 -11.69 -15.61
CA ILE C 195 1.68 -10.64 -16.42
C ILE C 195 3.11 -10.43 -15.96
N GLY C 196 3.98 -10.06 -16.90
CA GLY C 196 5.40 -10.01 -16.66
C GLY C 196 5.95 -8.61 -16.45
N TYR C 197 7.12 -8.56 -15.80
CA TYR C 197 7.81 -7.31 -15.50
C TYR C 197 9.30 -7.51 -15.75
N GLN C 198 9.91 -6.51 -16.39
CA GLN C 198 11.34 -6.58 -16.69
C GLN C 198 11.89 -5.16 -16.81
N SER C 199 13.14 -5.01 -16.36
CA SER C 199 13.77 -3.70 -16.30
C SER C 199 14.04 -3.16 -17.71
N HIS C 200 14.07 -1.83 -17.82
CA HIS C 200 14.35 -1.20 -19.10
C HIS C 200 15.76 -1.52 -19.58
N ALA C 201 16.71 -1.58 -18.65
CA ALA C 201 18.08 -1.95 -19.02
C ALA C 201 18.18 -3.46 -19.28
N ASP C 202 17.32 -4.27 -18.66
CA ASP C 202 17.29 -5.68 -18.97
C ASP C 202 16.63 -5.95 -20.32
N THR C 203 15.67 -5.12 -20.71
CA THR C 203 15.00 -5.31 -21.99
C THR C 203 15.90 -4.88 -23.15
N ALA C 204 16.59 -3.75 -23.00
CA ALA C 204 17.47 -3.26 -24.04
C ALA C 204 18.78 -4.05 -24.06
N ASN C 213 12.74 -11.58 -17.17
CA ASN C 213 11.67 -11.25 -16.24
C ASN C 213 12.18 -11.10 -14.80
N ARG C 214 11.50 -10.26 -14.04
CA ARG C 214 11.83 -10.02 -12.63
C ARG C 214 10.67 -10.33 -11.69
N PHE C 215 9.45 -9.92 -12.04
CA PHE C 215 8.29 -10.11 -11.19
C PHE C 215 7.11 -10.55 -12.03
N VAL C 216 6.24 -11.36 -11.43
CA VAL C 216 5.02 -11.83 -12.07
C VAL C 216 3.90 -11.90 -11.03
N VAL C 217 2.69 -11.63 -11.48
CA VAL C 217 1.52 -11.69 -10.59
C VAL C 217 0.62 -12.86 -10.97
N ARG D 1 -1.79 14.20 -0.79
CA ARG D 1 -2.04 13.22 -1.85
C ARG D 1 -3.53 13.17 -2.22
N ILE D 2 -3.82 13.29 -3.51
CA ILE D 2 -5.18 13.28 -4.04
C ILE D 2 -5.36 11.99 -4.80
N ILE D 3 -6.36 11.19 -4.40
CA ILE D 3 -6.65 9.90 -5.01
C ILE D 3 -8.09 9.92 -5.51
N TYR D 4 -8.29 9.56 -6.77
CA TYR D 4 -9.60 9.60 -7.41
C TYR D 4 -10.07 8.19 -7.77
N ASP D 5 -11.37 7.96 -7.63
CA ASP D 5 -11.99 6.68 -7.94
C ASP D 5 -12.38 6.60 -9.41
N ARG D 6 -12.45 5.37 -9.93
CA ARG D 6 -12.85 5.18 -11.31
C ARG D 6 -14.25 5.74 -11.57
N LYS D 7 -15.16 5.57 -10.61
CA LYS D 7 -16.49 6.14 -10.74
C LYS D 7 -16.43 7.67 -10.73
N PHE D 8 -15.64 8.25 -9.82
CA PHE D 8 -15.60 9.70 -9.69
C PHE D 8 -14.84 10.36 -10.84
N LEU D 9 -13.88 9.66 -11.44
CA LEU D 9 -13.21 10.19 -12.62
C LEU D 9 -14.15 10.21 -13.82
N MET D 10 -14.99 9.18 -13.94
CA MET D 10 -15.93 9.11 -15.07
C MET D 10 -17.03 10.15 -14.94
N GLU D 11 -17.34 10.59 -13.72
CA GLU D 11 -18.37 11.60 -13.53
C GLU D 11 -17.92 12.99 -13.96
N CYS D 12 -16.63 13.18 -14.21
CA CYS D 12 -16.11 14.46 -14.67
C CYS D 12 -15.91 14.50 -16.18
N ARG D 13 -16.20 13.40 -16.88
CA ARG D 13 -16.02 13.36 -18.32
C ARG D 13 -17.01 14.26 -19.04
N ASN D 14 -18.24 14.35 -18.53
CA ASN D 14 -19.27 15.17 -19.15
C ASN D 14 -18.94 16.65 -18.98
#